data_6M7B
#
_entry.id   6M7B
#
_cell.length_a   57.125
_cell.length_b   62.286
_cell.length_c   131.686
_cell.angle_alpha   90.000
_cell.angle_beta   90.000
_cell.angle_gamma   90.000
#
_symmetry.space_group_name_H-M   'P 21 21 21'
#
loop_
_entity.id
_entity.type
_entity.pdbx_description
1 polymer 'Mitotic spindle assembly checkpoint protein MAD2B'
2 polymer 'Shieldin complex subunit 3'
3 water water
#
loop_
_entity_poly.entity_id
_entity_poly.type
_entity_poly.pdbx_seq_one_letter_code
_entity_poly.pdbx_strand_id
1 'polypeptide(L)'
;MTTLTRQDLNFGQVVADVLCEFLEVAVHLILYVREVYPVGIFQKRKKYNVPVQMSCHPELNQYIQDTLHCVKPLLEKNDV
EKVVVVILDKEHRPVEKFVFEITQPPLLSISSDSLLSHVEQLLAAFILKISVCDAVLDHNPPGCTFTVLVHTREAATRNM
EKIQVIKDFPWILADEQDVHMHDPRLIPLKTMTSDILKMQLYVEERAHKGS
;
A,B
2 'polypeptide(L)' RFIPWFPYDGSKLPLRPKRSPPVISEEAAEDVKQYLT C,D
#
# COMPACT_ATOMS: atom_id res chain seq x y z
N LEU A 9 1.77 -20.44 -10.02
CA LEU A 9 1.25 -19.55 -9.00
C LEU A 9 2.22 -19.41 -7.83
N ASN A 10 2.74 -18.20 -7.63
CA ASN A 10 3.78 -18.00 -6.63
C ASN A 10 3.11 -17.75 -5.28
N PHE A 11 2.97 -18.83 -4.49
CA PHE A 11 2.37 -18.73 -3.17
C PHE A 11 3.27 -18.02 -2.17
N GLY A 12 4.58 -18.01 -2.43
CA GLY A 12 5.46 -17.19 -1.61
C GLY A 12 5.08 -15.72 -1.66
N GLN A 13 4.70 -15.24 -2.84
CA GLN A 13 4.27 -13.85 -2.97
C GLN A 13 2.89 -13.64 -2.35
N VAL A 14 2.00 -14.62 -2.49
CA VAL A 14 0.68 -14.55 -1.84
C VAL A 14 0.86 -14.42 -0.33
N VAL A 15 1.71 -15.27 0.26
CA VAL A 15 1.94 -15.18 1.70
C VAL A 15 2.55 -13.84 2.07
N ALA A 16 3.46 -13.32 1.24
CA ALA A 16 4.08 -12.04 1.55
C ALA A 16 3.07 -10.88 1.49
N ASP A 17 2.18 -10.91 0.49
CA ASP A 17 1.16 -9.88 0.38
C ASP A 17 0.24 -9.90 1.59
N VAL A 18 -0.26 -11.08 1.94
CA VAL A 18 -1.15 -11.23 3.07
C VAL A 18 -0.47 -10.76 4.36
N LEU A 19 0.80 -11.14 4.56
CA LEU A 19 1.48 -10.77 5.81
C LEU A 19 1.80 -9.29 5.87
N CYS A 20 2.23 -8.69 4.76
CA CYS A 20 2.54 -7.27 4.81
C CYS A 20 1.29 -6.44 5.08
N GLU A 21 0.17 -6.80 4.46
CA GLU A 21 -1.07 -6.08 4.73
C GLU A 21 -1.49 -6.25 6.19
N PHE A 22 -1.37 -7.47 6.73
CA PHE A 22 -1.72 -7.73 8.14
C PHE A 22 -0.79 -6.96 9.08
N LEU A 23 0.53 -7.05 8.86
CA LEU A 23 1.47 -6.38 9.73
C LEU A 23 1.27 -4.87 9.75
N GLU A 24 0.87 -4.29 8.63
CA GLU A 24 0.59 -2.86 8.62
C GLU A 24 -0.59 -2.51 9.54
N VAL A 25 -1.66 -3.30 9.48
CA VAL A 25 -2.78 -3.02 10.38
C VAL A 25 -2.35 -3.27 11.83
N ALA A 26 -1.57 -4.31 12.07
CA ALA A 26 -1.17 -4.63 13.44
C ALA A 26 -0.28 -3.54 14.05
N VAL A 27 0.65 -2.99 13.26
CA VAL A 27 1.49 -1.89 13.75
C VAL A 27 0.63 -0.70 14.14
N HIS A 28 -0.29 -0.27 13.27
CA HIS A 28 -1.18 0.83 13.62
C HIS A 28 -1.92 0.55 14.93
N LEU A 29 -2.46 -0.67 15.08
CA LEU A 29 -3.27 -0.95 16.26
C LEU A 29 -2.41 -0.99 17.52
N ILE A 30 -1.21 -1.57 17.44
CA ILE A 30 -0.29 -1.58 18.59
C ILE A 30 -0.02 -0.16 19.06
N LEU A 31 0.28 0.75 18.13
CA LEU A 31 0.58 2.12 18.52
C LEU A 31 -0.60 2.76 19.24
N TYR A 32 -1.82 2.46 18.79
CA TYR A 32 -3.01 3.03 19.41
C TYR A 32 -3.23 2.43 20.81
N VAL A 33 -3.23 1.10 20.89
CA VAL A 33 -3.56 0.43 22.14
C VAL A 33 -2.52 0.71 23.21
N ARG A 34 -1.25 0.82 22.83
CA ARG A 34 -0.21 1.07 23.82
C ARG A 34 0.10 2.55 23.97
N GLU A 35 -0.69 3.43 23.35
CA GLU A 35 -0.64 4.87 23.61
C GLU A 35 0.74 5.45 23.27
N VAL A 36 1.34 4.96 22.17
CA VAL A 36 2.64 5.49 21.77
C VAL A 36 2.50 6.91 21.25
N TYR A 37 1.43 7.19 20.51
CA TYR A 37 1.13 8.50 19.96
C TYR A 37 -0.23 8.99 20.47
N PRO A 38 -0.49 10.29 20.37
CA PRO A 38 -1.79 10.80 20.86
C PRO A 38 -2.97 10.15 20.15
N VAL A 39 -4.05 9.90 20.91
CA VAL A 39 -5.22 9.19 20.37
C VAL A 39 -5.81 9.95 19.20
N GLY A 40 -5.64 11.28 19.18
CA GLY A 40 -6.30 12.10 18.19
C GLY A 40 -5.95 11.76 16.76
N ILE A 41 -4.83 11.09 16.51
CA ILE A 41 -4.47 10.79 15.12
C ILE A 41 -5.19 9.58 14.56
N PHE A 42 -5.88 8.80 15.39
CA PHE A 42 -6.42 7.52 14.96
C PHE A 42 -7.87 7.63 14.56
N GLN A 43 -8.26 6.82 13.56
CA GLN A 43 -9.63 6.75 13.09
C GLN A 43 -10.02 5.29 12.95
N LYS A 44 -11.25 4.96 13.34
CA LYS A 44 -11.70 3.58 13.30
C LYS A 44 -11.93 3.17 11.85
N ARG A 45 -11.35 2.03 11.45
CA ARG A 45 -11.60 1.45 10.15
C ARG A 45 -11.96 -0.02 10.30
N LYS A 46 -12.38 -0.64 9.21
CA LYS A 46 -12.70 -2.05 9.19
C LYS A 46 -11.63 -2.79 8.40
N LYS A 47 -10.98 -3.75 9.06
CA LYS A 47 -10.02 -4.64 8.42
C LYS A 47 -10.27 -6.03 8.98
N TYR A 48 -10.25 -7.05 8.12
CA TYR A 48 -10.58 -8.42 8.51
C TYR A 48 -11.94 -8.48 9.20
N ASN A 49 -12.89 -7.69 8.70
CA ASN A 49 -14.25 -7.60 9.24
C ASN A 49 -14.28 -7.04 10.66
N VAL A 50 -13.16 -6.51 11.14
CA VAL A 50 -12.95 -6.15 12.54
C VAL A 50 -12.70 -4.65 12.63
N PRO A 51 -13.25 -3.97 13.63
CA PRO A 51 -12.99 -2.52 13.77
C PRO A 51 -11.60 -2.28 14.33
N VAL A 52 -10.74 -1.65 13.51
CA VAL A 52 -9.36 -1.35 13.88
C VAL A 52 -9.19 0.17 13.93
N GLN A 53 -8.20 0.62 14.69
CA GLN A 53 -7.83 2.02 14.74
C GLN A 53 -6.59 2.21 13.87
N MET A 54 -6.65 3.16 12.94
CA MET A 54 -5.54 3.43 12.03
C MET A 54 -5.16 4.91 12.09
N SER A 55 -3.86 5.18 11.99
CA SER A 55 -3.38 6.56 11.99
C SER A 55 -3.85 7.31 10.75
N CYS A 56 -4.17 8.58 10.93
CA CYS A 56 -4.45 9.49 9.82
C CYS A 56 -3.30 10.46 9.60
N HIS A 57 -2.20 10.29 10.32
CA HIS A 57 -1.03 11.15 10.18
C HIS A 57 -0.24 10.71 8.95
N PRO A 58 -0.07 11.57 7.95
CA PRO A 58 0.49 11.08 6.67
C PRO A 58 1.92 10.57 6.79
N GLU A 59 2.80 11.30 7.49
CA GLU A 59 4.19 10.85 7.54
C GLU A 59 4.32 9.53 8.32
N LEU A 60 3.54 9.37 9.40
CA LEU A 60 3.58 8.09 10.11
C LEU A 60 3.09 6.96 9.22
N ASN A 61 2.01 7.19 8.49
CA ASN A 61 1.48 6.16 7.60
C ASN A 61 2.51 5.76 6.56
N GLN A 62 3.23 6.74 6.01
CA GLN A 62 4.21 6.46 4.95
C GLN A 62 5.40 5.69 5.52
N TYR A 63 5.86 6.05 6.73
CA TYR A 63 6.93 5.29 7.36
C TYR A 63 6.54 3.81 7.51
N ILE A 64 5.35 3.55 8.04
CA ILE A 64 4.90 2.17 8.24
C ILE A 64 4.77 1.45 6.90
N GLN A 65 4.14 2.11 5.92
CA GLN A 65 4.00 1.50 4.60
C GLN A 65 5.36 1.16 4.01
N ASP A 66 6.29 2.12 4.06
CA ASP A 66 7.60 1.90 3.44
C ASP A 66 8.33 0.76 4.13
N THR A 67 8.24 0.71 5.45
CA THR A 67 8.89 -0.35 6.21
C THR A 67 8.42 -1.72 5.73
N LEU A 68 7.10 -1.92 5.67
CA LEU A 68 6.60 -3.24 5.30
C LEU A 68 6.78 -3.53 3.82
N HIS A 69 6.73 -2.51 2.97
CA HIS A 69 7.04 -2.71 1.55
CA HIS A 69 7.03 -2.71 1.55
C HIS A 69 8.43 -3.31 1.38
N CYS A 70 9.38 -2.88 2.20
CA CYS A 70 10.75 -3.39 2.11
C CYS A 70 10.84 -4.83 2.61
N VAL A 71 10.00 -5.20 3.55
CA VAL A 71 10.04 -6.55 4.10
C VAL A 71 9.49 -7.57 3.12
N LYS A 72 8.63 -7.12 2.19
CA LYS A 72 7.89 -8.05 1.35
C LYS A 72 8.76 -9.02 0.57
N PRO A 73 9.83 -8.59 -0.11
CA PRO A 73 10.63 -9.58 -0.86
C PRO A 73 11.32 -10.59 0.04
N LEU A 74 11.64 -10.20 1.29
CA LEU A 74 12.24 -11.18 2.20
C LEU A 74 11.21 -12.22 2.62
N LEU A 75 9.97 -11.78 2.85
CA LEU A 75 8.88 -12.72 3.13
C LEU A 75 8.65 -13.66 1.95
N GLU A 76 8.62 -13.12 0.73
CA GLU A 76 8.36 -13.95 -0.43
C GLU A 76 9.36 -15.09 -0.54
N LYS A 77 10.63 -14.82 -0.26
CA LYS A 77 11.69 -15.82 -0.33
C LYS A 77 11.83 -16.63 0.95
N ASN A 78 10.93 -16.44 1.93
CA ASN A 78 10.96 -17.18 3.19
C ASN A 78 12.28 -16.94 3.93
N ASP A 79 12.72 -15.70 3.99
CA ASP A 79 13.98 -15.39 4.65
C ASP A 79 13.80 -14.67 5.97
N VAL A 80 12.58 -14.62 6.51
CA VAL A 80 12.26 -13.88 7.73
C VAL A 80 11.92 -14.87 8.84
N GLU A 81 12.59 -14.72 9.99
CA GLU A 81 12.22 -15.48 11.20
C GLU A 81 11.22 -14.72 12.05
N LYS A 82 11.46 -13.44 12.29
CA LYS A 82 10.50 -12.65 13.05
C LYS A 82 10.53 -11.20 12.63
N VAL A 83 9.37 -10.55 12.75
CA VAL A 83 9.19 -9.11 12.64
C VAL A 83 8.77 -8.61 14.01
N VAL A 84 9.46 -7.58 14.51
CA VAL A 84 9.26 -7.16 15.91
C VAL A 84 8.94 -5.67 15.91
N VAL A 85 7.86 -5.29 16.58
CA VAL A 85 7.56 -3.89 16.81
C VAL A 85 8.14 -3.52 18.17
N VAL A 86 9.20 -2.69 18.20
CA VAL A 86 9.85 -2.30 19.45
C VAL A 86 9.34 -0.94 19.86
N ILE A 87 8.67 -0.86 21.02
CA ILE A 87 8.27 0.44 21.56
C ILE A 87 9.41 0.98 22.40
N LEU A 88 9.81 2.24 22.17
CA LEU A 88 10.98 2.85 22.79
C LEU A 88 10.59 4.05 23.64
N ASP A 89 11.36 4.28 24.71
CA ASP A 89 11.11 5.45 25.55
C ASP A 89 11.93 6.63 25.01
N LYS A 90 11.92 7.74 25.74
CA LYS A 90 12.56 8.97 25.25
C LYS A 90 14.06 8.80 25.11
N GLU A 91 14.67 7.89 25.87
CA GLU A 91 16.09 7.62 25.74
C GLU A 91 16.38 6.50 24.74
N HIS A 92 15.38 6.10 23.95
CA HIS A 92 15.51 5.05 22.94
C HIS A 92 15.88 3.70 23.57
N ARG A 93 15.34 3.42 24.74
CA ARG A 93 15.44 2.10 25.35
C ARG A 93 14.13 1.34 25.15
N PRO A 94 14.18 0.06 24.81
CA PRO A 94 12.93 -0.72 24.62
C PRO A 94 12.08 -0.74 25.88
N VAL A 95 10.80 -0.43 25.69
CA VAL A 95 9.80 -0.44 26.76
C VAL A 95 9.09 -1.79 26.70
N GLU A 96 8.93 -2.30 25.49
CA GLU A 96 8.02 -3.40 25.21
C GLU A 96 8.25 -3.82 23.77
N LYS A 97 8.18 -5.13 23.49
CA LYS A 97 8.34 -5.60 22.11
C LYS A 97 7.20 -6.53 21.74
N PHE A 98 6.60 -6.28 20.57
CA PHE A 98 5.59 -7.17 20.00
C PHE A 98 6.26 -8.02 18.93
N VAL A 99 6.40 -9.32 19.21
CA VAL A 99 7.24 -10.20 18.40
C VAL A 99 6.31 -11.08 17.56
N PHE A 100 6.41 -10.96 16.24
CA PHE A 100 5.67 -11.81 15.30
C PHE A 100 6.66 -12.84 14.76
N GLU A 101 6.60 -14.07 15.24
CA GLU A 101 7.44 -15.14 14.73
C GLU A 101 6.70 -15.84 13.60
N ILE A 102 7.45 -16.20 12.55
CA ILE A 102 6.87 -16.62 11.29
C ILE A 102 7.66 -17.81 10.76
N THR A 103 6.93 -18.81 10.22
CA THR A 103 7.54 -19.79 9.34
C THR A 103 6.57 -20.10 8.21
N GLN A 104 7.12 -20.37 7.04
CA GLN A 104 6.31 -20.74 5.89
C GLN A 104 6.57 -22.21 5.57
N PRO A 105 5.61 -23.09 5.79
CA PRO A 105 5.85 -24.53 5.63
C PRO A 105 5.97 -24.90 4.17
N PRO A 106 6.33 -26.15 3.87
CA PRO A 106 6.34 -26.58 2.46
C PRO A 106 4.97 -26.35 1.83
N LEU A 107 4.96 -25.62 0.71
CA LEU A 107 3.72 -25.21 0.05
C LEU A 107 3.32 -26.29 -0.95
N LEU A 108 2.64 -27.32 -0.44
CA LEU A 108 2.42 -28.50 -1.26
C LEU A 108 0.96 -28.97 -1.27
N SER A 109 0.38 -29.23 -0.09
CA SER A 109 -1.01 -29.69 -0.03
C SER A 109 -2.01 -28.53 0.04
N ILE A 110 -1.66 -27.39 -0.55
CA ILE A 110 -2.40 -26.14 -0.35
C ILE A 110 -3.87 -26.34 -0.70
N SER A 111 -4.74 -25.96 0.23
CA SER A 111 -6.17 -26.20 0.09
C SER A 111 -6.77 -25.35 -1.02
N SER A 112 -7.75 -25.92 -1.71
CA SER A 112 -8.56 -25.23 -2.71
C SER A 112 -9.84 -24.66 -2.10
N ASP A 113 -10.11 -24.92 -0.84
CA ASP A 113 -11.38 -24.56 -0.20
C ASP A 113 -11.20 -23.23 0.53
N SER A 114 -11.27 -22.14 -0.24
CA SER A 114 -11.21 -20.77 0.28
C SER A 114 -10.04 -20.61 1.25
N LEU A 115 -8.84 -20.79 0.71
CA LEU A 115 -7.64 -20.74 1.55
C LEU A 115 -7.48 -19.37 2.18
N LEU A 116 -7.45 -18.32 1.35
CA LEU A 116 -7.25 -16.97 1.86
C LEU A 116 -8.35 -16.55 2.83
N SER A 117 -9.58 -17.05 2.62
CA SER A 117 -10.65 -16.75 3.57
C SER A 117 -10.35 -17.36 4.95
N HIS A 118 -9.88 -18.61 4.97
CA HIS A 118 -9.51 -19.23 6.24
C HIS A 118 -8.33 -18.51 6.87
N VAL A 119 -7.35 -18.11 6.05
CA VAL A 119 -6.19 -17.40 6.60
C VAL A 119 -6.61 -16.06 7.18
N GLU A 120 -7.48 -15.32 6.49
CA GLU A 120 -7.87 -14.01 6.98
C GLU A 120 -8.57 -14.11 8.34
N GLN A 121 -9.34 -15.19 8.54
CA GLN A 121 -10.01 -15.37 9.82
C GLN A 121 -9.00 -15.70 10.92
N LEU A 122 -7.98 -16.49 10.61
CA LEU A 122 -6.93 -16.72 11.60
C LEU A 122 -6.18 -15.43 11.90
N LEU A 123 -5.94 -14.59 10.88
CA LEU A 123 -5.27 -13.31 11.13
C LEU A 123 -6.17 -12.33 11.86
N ALA A 124 -7.46 -12.38 11.60
CA ALA A 124 -8.41 -11.56 12.36
C ALA A 124 -8.28 -11.83 13.86
N ALA A 125 -8.08 -13.10 14.25
CA ALA A 125 -7.93 -13.40 15.67
C ALA A 125 -6.72 -12.69 16.29
N PHE A 126 -5.67 -12.47 15.50
CA PHE A 126 -4.53 -11.70 16.00
C PHE A 126 -4.92 -10.25 16.24
N ILE A 127 -5.57 -9.62 15.26
CA ILE A 127 -5.99 -8.23 15.40
C ILE A 127 -6.91 -8.07 16.61
N LEU A 128 -7.90 -8.97 16.75
CA LEU A 128 -8.83 -8.84 17.87
C LEU A 128 -8.10 -8.94 19.21
N LYS A 129 -7.17 -9.88 19.33
CA LYS A 129 -6.39 -10.02 20.55
C LYS A 129 -5.57 -8.77 20.82
N ILE A 130 -4.88 -8.25 19.80
CA ILE A 130 -4.14 -7.00 20.02
C ILE A 130 -5.07 -5.92 20.55
N SER A 131 -6.29 -5.84 19.99
CA SER A 131 -7.21 -4.77 20.39
C SER A 131 -7.53 -4.79 21.89
N VAL A 132 -7.47 -5.95 22.55
CA VAL A 132 -7.76 -6.03 23.98
C VAL A 132 -6.52 -6.36 24.80
N CYS A 133 -5.32 -6.26 24.22
CA CYS A 133 -4.15 -6.79 24.93
C CYS A 133 -3.77 -5.94 26.15
N ASP A 134 -4.29 -4.72 26.28
CA ASP A 134 -4.09 -3.98 27.53
C ASP A 134 -4.55 -4.78 28.73
N ALA A 135 -5.48 -5.71 28.53
CA ALA A 135 -6.00 -6.51 29.64
C ALA A 135 -5.05 -7.59 30.10
N VAL A 136 -4.04 -7.97 29.30
CA VAL A 136 -3.16 -9.07 29.68
C VAL A 136 -1.71 -8.61 29.84
N LEU A 137 -1.40 -7.35 29.56
CA LEU A 137 -0.05 -6.82 29.69
C LEU A 137 0.04 -5.94 30.94
N ASP A 138 1.28 -5.70 31.37
CA ASP A 138 1.48 -4.78 32.48
C ASP A 138 1.16 -3.36 32.02
N HIS A 139 1.02 -2.46 32.99
CA HIS A 139 0.61 -1.09 32.72
C HIS A 139 1.73 -0.11 33.00
N ASN A 140 2.91 -0.36 32.42
CA ASN A 140 4.06 0.50 32.61
C ASN A 140 3.87 1.81 31.84
N PRO A 141 4.70 2.81 32.12
CA PRO A 141 4.60 4.08 31.35
C PRO A 141 4.79 3.82 29.88
N PRO A 142 4.05 4.51 29.02
CA PRO A 142 4.14 4.23 27.58
C PRO A 142 5.42 4.81 27.00
N GLY A 143 5.81 4.25 25.87
CA GLY A 143 6.90 4.79 25.08
C GLY A 143 6.41 5.96 24.27
N CYS A 144 7.35 6.60 23.55
CA CYS A 144 7.00 7.75 22.72
C CYS A 144 7.42 7.59 21.26
N THR A 145 8.05 6.48 20.89
CA THR A 145 8.47 6.24 19.52
C THR A 145 8.65 4.72 19.37
N PHE A 146 9.08 4.29 18.19
CA PHE A 146 9.19 2.85 17.95
C PHE A 146 10.14 2.59 16.80
N THR A 147 10.48 1.33 16.62
CA THR A 147 11.15 0.87 15.41
C THR A 147 10.61 -0.51 15.09
N VAL A 148 10.98 -1.02 13.91
CA VAL A 148 10.61 -2.37 13.48
C VAL A 148 11.91 -3.12 13.22
N LEU A 149 12.03 -4.31 13.81
CA LEU A 149 13.19 -5.18 13.61
C LEU A 149 12.81 -6.36 12.73
N VAL A 150 13.70 -6.69 11.78
CA VAL A 150 13.51 -7.81 10.88
C VAL A 150 14.66 -8.79 11.13
N HIS A 151 14.34 -9.92 11.76
CA HIS A 151 15.31 -10.98 11.99
C HIS A 151 15.25 -11.97 10.84
N THR A 152 16.39 -12.24 10.21
CA THR A 152 16.42 -13.10 9.04
C THR A 152 17.07 -14.44 9.37
N ARG A 153 16.73 -15.44 8.55
CA ARG A 153 17.33 -16.75 8.75
C ARG A 153 18.82 -16.71 8.46
N GLU A 154 19.19 -16.08 7.37
CA GLU A 154 20.56 -15.84 6.97
C GLU A 154 21.06 -14.57 7.66
N ALA A 155 22.37 -14.38 7.64
CA ALA A 155 22.96 -13.19 8.25
C ALA A 155 22.31 -11.92 7.69
N ALA A 156 21.96 -11.01 8.58
CA ALA A 156 21.27 -9.78 8.18
C ALA A 156 22.08 -8.97 7.17
N THR A 157 23.41 -8.96 7.31
CA THR A 157 24.24 -8.15 6.41
C THR A 157 24.06 -8.53 4.95
N ARG A 158 23.65 -9.77 4.70
CA ARG A 158 23.54 -10.27 3.35
C ARG A 158 22.14 -10.10 2.78
N ASN A 159 21.18 -9.62 3.56
CA ASN A 159 19.87 -9.22 3.07
C ASN A 159 19.76 -7.73 2.85
N MET A 160 20.86 -6.99 2.97
CA MET A 160 20.80 -5.54 2.87
C MET A 160 20.35 -5.10 1.49
N GLU A 161 20.91 -5.71 0.45
CA GLU A 161 20.50 -5.36 -0.90
C GLU A 161 19.03 -5.72 -1.13
N LYS A 162 18.60 -6.88 -0.62
CA LYS A 162 17.23 -7.32 -0.90
C LYS A 162 16.21 -6.41 -0.23
N ILE A 163 16.51 -5.92 0.98
CA ILE A 163 15.52 -5.17 1.74
C ILE A 163 15.39 -3.72 1.27
N GLN A 164 16.39 -3.17 0.58
CA GLN A 164 16.36 -1.74 0.28
C GLN A 164 15.59 -1.52 -1.04
N VAL A 165 14.27 -1.65 -0.91
CA VAL A 165 13.36 -1.60 -2.05
C VAL A 165 12.96 -0.17 -2.39
N ILE A 166 13.03 0.76 -1.44
CA ILE A 166 12.46 2.09 -1.58
C ILE A 166 13.58 3.12 -1.56
N LYS A 167 13.59 3.99 -2.58
CA LYS A 167 14.56 5.06 -2.66
C LYS A 167 14.55 5.90 -1.40
N ASP A 168 15.73 6.20 -0.87
CA ASP A 168 15.88 7.06 0.29
C ASP A 168 15.20 6.51 1.54
N PHE A 169 15.02 5.18 1.62
CA PHE A 169 14.56 4.52 2.85
C PHE A 169 15.55 3.44 3.22
N PRO A 170 16.74 3.82 3.67
CA PRO A 170 17.79 2.83 3.91
C PRO A 170 17.54 2.03 5.18
N TRP A 171 18.15 0.85 5.21
CA TRP A 171 18.11 -0.03 6.38
C TRP A 171 19.52 -0.20 6.91
N ILE A 172 19.63 -0.53 8.20
CA ILE A 172 20.91 -0.74 8.86
C ILE A 172 20.76 -1.92 9.81
N LEU A 173 21.91 -2.51 10.16
CA LEU A 173 21.97 -3.40 11.30
C LEU A 173 21.56 -2.67 12.56
N ALA A 174 20.67 -3.27 13.34
CA ALA A 174 20.26 -2.71 14.62
C ALA A 174 21.40 -2.78 15.63
N ASP A 175 21.36 -1.87 16.59
CA ASP A 175 22.24 -1.89 17.75
C ASP A 175 21.66 -2.85 18.79
N GLU A 176 22.54 -3.49 19.56
CA GLU A 176 22.06 -4.36 20.64
C GLU A 176 21.10 -3.62 21.57
N GLN A 177 21.33 -2.32 21.79
CA GLN A 177 20.43 -1.53 22.65
C GLN A 177 19.02 -1.49 22.09
N ASP A 178 18.86 -1.47 20.76
CA ASP A 178 17.53 -1.50 20.15
C ASP A 178 16.79 -2.79 20.40
N VAL A 179 17.51 -3.86 20.70
CA VAL A 179 16.95 -5.20 20.70
C VAL A 179 16.78 -5.74 22.12
N HIS A 180 17.80 -5.55 22.95
CA HIS A 180 17.93 -6.31 24.19
C HIS A 180 17.03 -5.75 25.28
N MET A 181 16.25 -6.63 25.91
CA MET A 181 15.58 -6.35 27.18
C MET A 181 16.12 -7.30 28.23
N HIS A 182 16.24 -6.83 29.47
CA HIS A 182 16.81 -7.66 30.54
C HIS A 182 15.74 -8.61 31.09
N ASP A 183 16.04 -9.91 31.06
CA ASP A 183 15.14 -10.98 31.50
C ASP A 183 13.66 -10.65 31.33
N PRO A 184 13.20 -10.39 30.11
CA PRO A 184 11.79 -9.95 29.96
C PRO A 184 10.82 -11.06 30.28
N ARG A 185 9.63 -10.66 30.73
CA ARG A 185 8.51 -11.58 30.80
C ARG A 185 7.88 -11.71 29.42
N LEU A 186 7.66 -12.94 28.99
CA LEU A 186 7.11 -13.24 27.69
C LEU A 186 5.62 -13.52 27.84
N ILE A 187 4.79 -12.73 27.16
CA ILE A 187 3.34 -12.89 27.26
C ILE A 187 2.78 -13.34 25.92
N PRO A 188 2.42 -14.61 25.75
CA PRO A 188 1.84 -15.04 24.46
C PRO A 188 0.48 -14.42 24.24
N LEU A 189 0.25 -13.94 23.01
CA LEU A 189 -1.04 -13.37 22.64
C LEU A 189 -1.83 -14.28 21.72
N LYS A 190 -1.21 -14.83 20.68
CA LYS A 190 -1.95 -15.70 19.76
C LYS A 190 -0.98 -16.51 18.91
N THR A 191 -1.40 -17.72 18.55
CA THR A 191 -0.66 -18.62 17.67
C THR A 191 -1.62 -19.16 16.63
N MET A 192 -1.09 -19.46 15.45
CA MET A 192 -1.92 -19.93 14.34
C MET A 192 -1.09 -20.88 13.49
N THR A 193 -1.76 -21.88 12.95
CA THR A 193 -1.15 -22.77 11.98
C THR A 193 -2.06 -22.86 10.77
N SER A 194 -1.45 -22.93 9.59
CA SER A 194 -2.17 -23.01 8.33
C SER A 194 -1.29 -23.74 7.35
N ASP A 195 -1.85 -24.05 6.18
CA ASP A 195 -1.10 -24.75 5.14
C ASP A 195 0.00 -23.88 4.56
N ILE A 196 -0.14 -22.55 4.62
CA ILE A 196 0.80 -21.65 3.98
C ILE A 196 1.59 -20.82 4.97
N LEU A 197 1.25 -20.84 6.25
CA LEU A 197 1.86 -19.92 7.19
C LEU A 197 1.62 -20.38 8.62
N LYS A 198 2.67 -20.39 9.42
CA LYS A 198 2.55 -20.53 10.86
C LYS A 198 3.07 -19.25 11.51
N MET A 199 2.41 -18.79 12.56
CA MET A 199 2.82 -17.51 13.13
C MET A 199 2.45 -17.51 14.60
N GLN A 200 3.30 -16.91 15.42
CA GLN A 200 2.87 -16.67 16.79
C GLN A 200 3.33 -15.29 17.21
N LEU A 201 2.50 -14.67 18.03
CA LEU A 201 2.71 -13.31 18.53
C LEU A 201 2.82 -13.39 20.04
N TYR A 202 3.90 -12.86 20.57
CA TYR A 202 4.03 -12.69 22.01
C TYR A 202 4.69 -11.35 22.28
N VAL A 203 4.59 -10.90 23.53
CA VAL A 203 5.10 -9.60 23.94
C VAL A 203 6.25 -9.82 24.90
N GLU A 204 7.34 -9.09 24.68
CA GLU A 204 8.40 -9.02 25.69
C GLU A 204 8.13 -7.80 26.56
N GLU A 205 7.92 -8.03 27.85
CA GLU A 205 7.64 -7.00 28.85
C GLU A 205 8.80 -6.85 29.81
N ARG A 206 8.95 -5.66 30.38
CA ARG A 206 9.95 -5.44 31.42
C ARG A 206 9.80 -6.47 32.53
N ALA A 207 10.94 -6.88 33.09
CA ALA A 207 10.95 -7.82 34.19
C ALA A 207 10.42 -7.16 35.47
N HIS A 208 9.93 -8.00 36.38
CA HIS A 208 9.48 -7.50 37.67
C HIS A 208 10.60 -7.58 38.72
N LYS A 209 10.39 -6.86 39.83
CA LYS A 209 11.28 -6.88 40.97
C LYS A 209 11.52 -8.28 41.51
N ASP B 8 1.37 23.52 9.10
CA ASP B 8 0.87 22.75 10.23
C ASP B 8 0.67 21.28 9.88
N LEU B 9 0.34 21.01 8.62
CA LEU B 9 0.16 19.64 8.14
C LEU B 9 0.60 19.56 6.70
N ASN B 10 1.08 18.38 6.29
CA ASN B 10 1.60 18.16 4.94
C ASN B 10 0.47 17.75 4.01
N PHE B 11 -0.29 18.75 3.54
CA PHE B 11 -1.46 18.45 2.70
C PHE B 11 -1.07 17.99 1.31
N GLY B 12 0.13 18.31 0.84
CA GLY B 12 0.60 17.68 -0.38
C GLY B 12 0.67 16.17 -0.22
N GLN B 13 1.17 15.72 0.93
CA GLN B 13 1.21 14.29 1.21
C GLN B 13 -0.18 13.70 1.39
N VAL B 14 -1.09 14.45 2.01
CA VAL B 14 -2.48 14.04 2.11
C VAL B 14 -3.07 13.80 0.72
N VAL B 15 -2.94 14.79 -0.17
CA VAL B 15 -3.49 14.65 -1.52
C VAL B 15 -2.84 13.48 -2.26
N ALA B 16 -1.53 13.31 -2.09
CA ALA B 16 -0.86 12.19 -2.75
C ALA B 16 -1.40 10.85 -2.26
N ASP B 17 -1.62 10.73 -0.95
CA ASP B 17 -2.15 9.50 -0.36
C ASP B 17 -3.55 9.22 -0.88
N VAL B 18 -4.42 10.23 -0.84
CA VAL B 18 -5.79 10.06 -1.30
C VAL B 18 -5.81 9.66 -2.77
N LEU B 19 -5.01 10.33 -3.60
CA LEU B 19 -4.99 10.03 -5.04
C LEU B 19 -4.42 8.65 -5.33
N CYS B 20 -3.39 8.24 -4.60
CA CYS B 20 -2.79 6.95 -4.88
C CYS B 20 -3.74 5.81 -4.52
N GLU B 21 -4.41 5.91 -3.37
CA GLU B 21 -5.40 4.89 -3.03
C GLU B 21 -6.53 4.87 -4.06
N PHE B 22 -7.02 6.04 -4.46
CA PHE B 22 -8.11 6.10 -5.44
C PHE B 22 -7.68 5.56 -6.80
N LEU B 23 -6.48 5.94 -7.28
CA LEU B 23 -6.03 5.46 -8.59
C LEU B 23 -5.83 3.95 -8.59
N GLU B 24 -5.41 3.37 -7.47
CA GLU B 24 -5.27 1.93 -7.43
C GLU B 24 -6.63 1.26 -7.63
N VAL B 25 -7.66 1.74 -6.91
CA VAL B 25 -9.00 1.18 -7.09
C VAL B 25 -9.48 1.41 -8.52
N ALA B 26 -9.25 2.62 -9.04
CA ALA B 26 -9.77 2.97 -10.36
C ALA B 26 -9.09 2.15 -11.46
N VAL B 27 -7.78 1.91 -11.34
CA VAL B 27 -7.08 1.08 -12.32
C VAL B 27 -7.65 -0.34 -12.32
N HIS B 28 -7.76 -0.94 -11.13
CA HIS B 28 -8.32 -2.29 -11.05
C HIS B 28 -9.70 -2.36 -11.70
N LEU B 29 -10.53 -1.35 -11.44
CA LEU B 29 -11.90 -1.38 -11.94
C LEU B 29 -11.94 -1.20 -13.44
N ILE B 30 -11.08 -0.31 -13.96
CA ILE B 30 -10.99 -0.14 -15.42
C ILE B 30 -10.63 -1.46 -16.08
N LEU B 31 -9.62 -2.15 -15.54
CA LEU B 31 -9.24 -3.45 -16.10
C LEU B 31 -10.43 -4.42 -16.09
N TYR B 32 -11.24 -4.35 -15.04
CA TYR B 32 -12.40 -5.22 -14.96
C TYR B 32 -13.48 -4.84 -15.97
N VAL B 33 -13.87 -3.57 -16.02
CA VAL B 33 -15.04 -3.22 -16.83
C VAL B 33 -14.69 -3.17 -18.32
N ARG B 34 -13.42 -2.99 -18.66
CA ARG B 34 -13.02 -3.03 -20.06
C ARG B 34 -12.52 -4.41 -20.47
N GLU B 35 -12.58 -5.38 -19.56
CA GLU B 35 -12.20 -6.76 -19.85
C GLU B 35 -10.78 -6.87 -20.40
N VAL B 36 -9.84 -6.11 -19.79
CA VAL B 36 -8.44 -6.22 -20.18
C VAL B 36 -7.87 -7.54 -19.69
N TYR B 37 -8.36 -8.06 -18.56
CA TYR B 37 -7.99 -9.35 -18.01
C TYR B 37 -9.24 -10.19 -17.79
N PRO B 38 -9.12 -11.51 -17.78
CA PRO B 38 -10.30 -12.35 -17.55
C PRO B 38 -10.95 -12.06 -16.21
N VAL B 39 -12.29 -12.08 -16.21
CA VAL B 39 -13.09 -11.88 -15.00
C VAL B 39 -12.64 -12.78 -13.87
N GLY B 40 -12.03 -13.93 -14.20
CA GLY B 40 -11.69 -14.91 -13.18
C GLY B 40 -10.72 -14.41 -12.12
N ILE B 41 -9.93 -13.39 -12.44
CA ILE B 41 -8.95 -12.94 -11.46
C ILE B 41 -9.51 -11.92 -10.47
N PHE B 42 -10.74 -11.45 -10.66
CA PHE B 42 -11.26 -10.34 -9.86
C PHE B 42 -12.13 -10.84 -8.71
N GLN B 43 -12.19 -10.05 -7.65
CA GLN B 43 -13.00 -10.36 -6.49
C GLN B 43 -13.72 -9.09 -6.05
N LYS B 44 -14.99 -9.21 -5.67
CA LYS B 44 -15.73 -8.02 -5.29
C LYS B 44 -15.20 -7.46 -3.98
N ARG B 45 -15.03 -6.14 -3.93
CA ARG B 45 -14.68 -5.43 -2.70
C ARG B 45 -15.56 -4.20 -2.58
N LYS B 46 -15.42 -3.49 -1.47
CA LYS B 46 -16.14 -2.25 -1.27
C LYS B 46 -15.12 -1.15 -1.06
N LYS B 47 -15.17 -0.14 -1.92
CA LYS B 47 -14.30 1.02 -1.83
C LYS B 47 -15.16 2.23 -2.09
N TYR B 48 -15.05 3.25 -1.24
CA TYR B 48 -15.87 4.45 -1.36
C TYR B 48 -17.35 4.10 -1.33
N ASN B 49 -17.70 3.06 -0.58
CA ASN B 49 -19.06 2.53 -0.44
C ASN B 49 -19.62 1.97 -1.75
N VAL B 50 -18.78 1.78 -2.76
CA VAL B 50 -19.20 1.22 -4.03
C VAL B 50 -18.76 -0.24 -4.12
N PRO B 51 -19.61 -1.14 -4.64
CA PRO B 51 -19.15 -2.51 -4.91
C PRO B 51 -18.22 -2.58 -6.10
N VAL B 52 -16.93 -2.79 -5.86
CA VAL B 52 -15.94 -2.79 -6.95
C VAL B 52 -15.31 -4.16 -7.13
N GLN B 53 -14.32 -4.23 -8.01
CA GLN B 53 -13.64 -5.47 -8.36
C GLN B 53 -12.15 -5.22 -8.30
N MET B 54 -11.44 -6.05 -7.54
CA MET B 54 -9.99 -5.95 -7.44
C MET B 54 -9.37 -7.26 -7.92
N SER B 55 -8.29 -7.15 -8.66
CA SER B 55 -7.55 -8.34 -9.08
C SER B 55 -6.99 -9.05 -7.86
N CYS B 56 -6.99 -10.39 -7.91
CA CYS B 56 -6.28 -11.19 -6.92
C CYS B 56 -5.02 -11.82 -7.48
N HIS B 57 -4.61 -11.42 -8.67
CA HIS B 57 -3.40 -11.95 -9.29
C HIS B 57 -2.20 -11.24 -8.70
N PRO B 58 -1.29 -11.95 -8.02
CA PRO B 58 -0.27 -11.23 -7.23
C PRO B 58 0.68 -10.39 -8.06
N GLU B 59 1.13 -10.87 -9.21
CA GLU B 59 2.11 -10.09 -9.95
C GLU B 59 1.47 -8.84 -10.55
N LEU B 60 0.21 -8.96 -11.01
CA LEU B 60 -0.52 -7.78 -11.48
C LEU B 60 -0.72 -6.77 -10.36
N ASN B 61 -1.09 -7.23 -9.17
CA ASN B 61 -1.31 -6.34 -8.04
C ASN B 61 -0.02 -5.59 -7.70
N GLN B 62 1.11 -6.30 -7.71
CA GLN B 62 2.40 -5.67 -7.39
C GLN B 62 2.80 -4.68 -8.47
N TYR B 63 2.51 -4.98 -9.74
CA TYR B 63 2.83 -4.04 -10.81
C TYR B 63 2.08 -2.73 -10.62
N ILE B 64 0.78 -2.81 -10.32
CA ILE B 64 0.00 -1.60 -10.14
C ILE B 64 0.47 -0.85 -8.90
N GLN B 65 0.73 -1.57 -7.82
CA GLN B 65 1.28 -0.95 -6.61
C GLN B 65 2.59 -0.22 -6.90
N ASP B 66 3.54 -0.90 -7.52
CA ASP B 66 4.83 -0.28 -7.81
C ASP B 66 4.64 0.96 -8.67
N THR B 67 3.78 0.87 -9.68
CA THR B 67 3.52 2.01 -10.55
C THR B 67 3.08 3.22 -9.74
N LEU B 68 2.10 3.04 -8.84
CA LEU B 68 1.57 4.18 -8.11
C LEU B 68 2.50 4.64 -7.00
N HIS B 69 3.26 3.75 -6.37
CA HIS B 69 4.25 4.21 -5.40
C HIS B 69 5.24 5.15 -6.04
N CYS B 70 5.53 4.93 -7.32
CA CYS B 70 6.46 5.79 -8.03
C CYS B 70 5.86 7.16 -8.34
N VAL B 71 4.54 7.21 -8.60
CA VAL B 71 3.88 8.47 -8.95
C VAL B 71 3.67 9.33 -7.71
N LYS B 72 3.55 8.70 -6.54
CA LYS B 72 3.20 9.41 -5.30
C LYS B 72 4.09 10.60 -4.99
N PRO B 73 5.43 10.50 -5.00
CA PRO B 73 6.21 11.71 -4.69
C PRO B 73 5.96 12.84 -5.67
N LEU B 74 5.68 12.54 -6.94
CA LEU B 74 5.36 13.58 -7.90
C LEU B 74 4.01 14.21 -7.60
N LEU B 75 3.03 13.41 -7.18
CA LEU B 75 1.76 13.97 -6.74
C LEU B 75 1.96 14.87 -5.53
N GLU B 76 2.81 14.43 -4.59
CA GLU B 76 2.99 15.18 -3.36
C GLU B 76 3.54 16.58 -3.64
N LYS B 77 4.46 16.69 -4.60
CA LYS B 77 5.04 17.96 -4.98
C LYS B 77 4.25 18.65 -6.10
N ASN B 78 3.07 18.13 -6.44
CA ASN B 78 2.20 18.73 -7.45
C ASN B 78 2.94 18.91 -8.77
N ASP B 79 3.59 17.83 -9.23
CA ASP B 79 4.32 17.84 -10.49
C ASP B 79 3.58 17.11 -11.61
N VAL B 80 2.34 16.66 -11.38
CA VAL B 80 1.61 15.78 -12.29
C VAL B 80 0.44 16.54 -12.90
N GLU B 81 0.35 16.53 -14.24
CA GLU B 81 -0.83 17.06 -14.92
C GLU B 81 -1.88 15.98 -15.15
N LYS B 82 -1.45 14.80 -15.61
CA LYS B 82 -2.34 13.72 -15.97
C LYS B 82 -1.74 12.39 -15.57
N VAL B 83 -2.60 11.48 -15.12
CA VAL B 83 -2.31 10.05 -15.09
C VAL B 83 -3.29 9.38 -16.03
N VAL B 84 -2.78 8.55 -16.94
CA VAL B 84 -3.58 7.99 -18.04
C VAL B 84 -3.45 6.48 -18.01
N VAL B 85 -4.57 5.78 -17.98
CA VAL B 85 -4.60 4.34 -18.22
C VAL B 85 -4.86 4.16 -19.71
N VAL B 86 -3.86 3.67 -20.44
CA VAL B 86 -3.94 3.45 -21.88
C VAL B 86 -4.22 1.98 -22.14
N ILE B 87 -5.27 1.71 -22.91
CA ILE B 87 -5.55 0.35 -23.36
C ILE B 87 -4.97 0.20 -24.75
N LEU B 88 -4.11 -0.80 -24.94
CA LEU B 88 -3.42 -1.07 -26.20
C LEU B 88 -4.03 -2.30 -26.86
N ASP B 89 -4.20 -2.24 -28.19
CA ASP B 89 -4.78 -3.38 -28.92
C ASP B 89 -3.68 -4.42 -29.11
N LYS B 90 -3.99 -5.50 -29.86
CA LYS B 90 -3.04 -6.59 -29.97
C LYS B 90 -1.81 -6.22 -30.80
N GLU B 91 -1.84 -5.09 -31.51
CA GLU B 91 -0.67 -4.56 -32.18
C GLU B 91 0.06 -3.50 -31.35
N HIS B 92 -0.27 -3.38 -30.06
CA HIS B 92 0.33 -2.45 -29.10
C HIS B 92 0.08 -0.97 -29.44
N ARG B 93 -0.99 -0.65 -30.16
CA ARG B 93 -1.50 0.67 -30.54
C ARG B 93 -2.61 1.09 -29.58
N PRO B 94 -2.63 2.35 -29.13
CA PRO B 94 -3.68 2.79 -28.20
C PRO B 94 -5.04 2.74 -28.87
N VAL B 95 -6.00 2.13 -28.16
CA VAL B 95 -7.37 2.07 -28.63
C VAL B 95 -8.33 2.85 -27.72
N GLU B 96 -7.94 3.11 -26.48
CA GLU B 96 -8.80 3.77 -25.50
C GLU B 96 -7.89 4.26 -24.40
N LYS B 97 -8.19 5.45 -23.85
CA LYS B 97 -7.41 6.02 -22.77
C LYS B 97 -8.35 6.52 -21.67
N PHE B 98 -8.05 6.19 -20.42
CA PHE B 98 -8.76 6.79 -19.30
C PHE B 98 -7.84 7.87 -18.73
N VAL B 99 -8.26 9.13 -18.85
CA VAL B 99 -7.40 10.28 -18.58
C VAL B 99 -7.88 10.94 -17.29
N PHE B 100 -7.03 10.91 -16.26
CA PHE B 100 -7.27 11.58 -14.97
C PHE B 100 -6.46 12.87 -14.96
N GLU B 101 -7.12 14.03 -15.18
CA GLU B 101 -6.45 15.32 -15.13
C GLU B 101 -6.54 15.87 -13.72
N ILE B 102 -5.44 16.41 -13.22
CA ILE B 102 -5.30 16.74 -11.80
C ILE B 102 -4.71 18.14 -11.67
N THR B 103 -5.26 18.94 -10.75
CA THR B 103 -4.60 20.14 -10.29
C THR B 103 -4.78 20.24 -8.79
N GLN B 104 -3.85 20.91 -8.13
CA GLN B 104 -3.91 21.05 -6.68
C GLN B 104 -3.99 22.53 -6.37
N PRO B 105 -5.16 23.02 -5.94
CA PRO B 105 -5.37 24.47 -5.81
C PRO B 105 -4.59 25.04 -4.66
N PRO B 106 -4.67 26.36 -4.42
CA PRO B 106 -4.04 26.93 -3.22
C PRO B 106 -4.55 26.28 -1.94
N LEU B 107 -3.61 25.72 -1.16
CA LEU B 107 -3.95 24.99 0.06
C LEU B 107 -4.09 25.98 1.21
N LEU B 108 -5.21 26.70 1.20
CA LEU B 108 -5.42 27.81 2.13
C LEU B 108 -6.90 27.93 2.48
N SER B 109 -7.18 28.16 3.76
CA SER B 109 -8.53 28.22 4.30
C SER B 109 -9.37 27.02 3.84
N ILE B 110 -8.76 25.84 3.95
CA ILE B 110 -9.50 24.60 3.72
C ILE B 110 -10.61 24.45 4.75
N SER B 111 -11.63 23.66 4.39
CA SER B 111 -12.76 23.43 5.27
C SER B 111 -12.40 22.45 6.38
N SER B 112 -12.84 22.76 7.59
CA SER B 112 -12.64 21.90 8.75
C SER B 112 -13.75 20.86 8.90
N ASP B 113 -14.72 20.84 8.00
CA ASP B 113 -15.93 20.03 8.16
C ASP B 113 -15.74 18.72 7.41
N SER B 114 -15.02 17.80 8.05
CA SER B 114 -14.73 16.48 7.50
C SER B 114 -14.29 16.60 6.05
N LEU B 115 -13.13 17.25 5.89
CA LEU B 115 -12.58 17.49 4.57
C LEU B 115 -12.42 16.19 3.80
N LEU B 116 -11.77 15.19 4.43
CA LEU B 116 -11.47 13.95 3.72
C LEU B 116 -12.71 13.12 3.44
N SER B 117 -13.69 13.15 4.34
CA SER B 117 -14.95 12.47 4.07
C SER B 117 -15.66 13.09 2.87
N HIS B 118 -15.64 14.43 2.78
CA HIS B 118 -16.20 15.11 1.62
C HIS B 118 -15.46 14.72 0.34
N VAL B 119 -14.14 14.66 0.42
CA VAL B 119 -13.35 14.34 -0.77
C VAL B 119 -13.63 12.91 -1.22
N GLU B 120 -13.64 11.96 -0.28
CA GLU B 120 -13.94 10.57 -0.63
C GLU B 120 -15.33 10.45 -1.25
N GLN B 121 -16.28 11.24 -0.77
CA GLN B 121 -17.59 11.26 -1.39
C GLN B 121 -17.51 11.71 -2.84
N LEU B 122 -16.75 12.78 -3.11
CA LEU B 122 -16.58 13.21 -4.49
C LEU B 122 -15.90 12.13 -5.34
N LEU B 123 -14.90 11.44 -4.77
CA LEU B 123 -14.21 10.38 -5.51
C LEU B 123 -15.13 9.19 -5.79
N ALA B 124 -16.03 8.90 -4.85
CA ALA B 124 -17.00 7.81 -5.04
C ALA B 124 -17.74 7.97 -6.35
N ALA B 125 -18.07 9.21 -6.73
CA ALA B 125 -18.81 9.44 -7.98
C ALA B 125 -17.99 9.04 -9.20
N PHE B 126 -16.65 9.20 -9.15
CA PHE B 126 -15.81 8.74 -10.25
C PHE B 126 -15.84 7.22 -10.37
N ILE B 127 -15.78 6.53 -9.23
CA ILE B 127 -15.85 5.08 -9.24
C ILE B 127 -17.18 4.61 -9.81
N LEU B 128 -18.27 5.29 -9.44
CA LEU B 128 -19.59 4.92 -9.96
C LEU B 128 -19.66 5.12 -11.47
N LYS B 129 -19.09 6.23 -11.98
CA LYS B 129 -19.05 6.45 -13.42
C LYS B 129 -18.21 5.40 -14.15
N ILE B 130 -17.04 5.05 -13.60
CA ILE B 130 -16.27 3.96 -14.22
C ILE B 130 -17.07 2.66 -14.20
N SER B 131 -17.78 2.41 -13.10
CA SER B 131 -18.52 1.15 -12.95
C SER B 131 -19.52 0.90 -14.07
N VAL B 132 -20.08 1.97 -14.64
CA VAL B 132 -21.14 1.83 -15.62
C VAL B 132 -20.72 2.31 -17.00
N CYS B 133 -19.41 2.52 -17.23
CA CYS B 133 -19.01 3.13 -18.48
C CYS B 133 -19.09 2.18 -19.66
N ASP B 134 -19.18 0.86 -19.42
CA ASP B 134 -19.28 -0.08 -20.55
C ASP B 134 -20.48 0.24 -21.43
N ALA B 135 -21.53 0.84 -20.87
CA ALA B 135 -22.71 1.13 -21.68
C ALA B 135 -22.60 2.41 -22.50
N VAL B 136 -21.53 3.20 -22.35
CA VAL B 136 -21.36 4.42 -23.15
C VAL B 136 -20.12 4.37 -24.02
N LEU B 137 -19.37 3.27 -24.01
CA LEU B 137 -18.18 3.11 -24.83
C LEU B 137 -18.39 1.93 -25.78
N ASP B 138 -17.65 1.94 -26.88
CA ASP B 138 -17.64 0.76 -27.75
C ASP B 138 -16.78 -0.32 -27.12
N HIS B 139 -17.13 -1.57 -27.37
CA HIS B 139 -16.35 -2.67 -26.82
C HIS B 139 -14.96 -2.69 -27.45
N ASN B 140 -13.94 -2.92 -26.62
CA ASN B 140 -12.58 -3.05 -27.14
C ASN B 140 -12.45 -4.34 -27.92
N PRO B 141 -11.56 -4.38 -28.91
CA PRO B 141 -11.33 -5.63 -29.63
C PRO B 141 -10.64 -6.63 -28.73
N PRO B 142 -10.66 -7.93 -29.08
CA PRO B 142 -9.95 -8.92 -28.26
C PRO B 142 -8.44 -8.71 -28.28
N GLY B 143 -7.79 -9.12 -27.20
CA GLY B 143 -6.33 -9.17 -27.14
C GLY B 143 -5.67 -7.92 -26.65
N CYS B 144 -6.37 -7.09 -25.90
CA CYS B 144 -5.83 -5.81 -25.44
C CYS B 144 -4.94 -6.00 -24.21
N THR B 145 -4.03 -5.05 -24.02
CA THR B 145 -3.23 -4.94 -22.79
C THR B 145 -3.33 -3.49 -22.31
N PHE B 146 -2.62 -3.16 -21.24
CA PHE B 146 -2.66 -1.77 -20.78
C PHE B 146 -1.27 -1.25 -20.42
N THR B 147 -1.19 0.07 -20.31
CA THR B 147 -0.03 0.74 -19.74
C THR B 147 -0.52 1.97 -18.97
N VAL B 148 0.41 2.62 -18.26
CA VAL B 148 0.12 3.83 -17.50
C VAL B 148 1.09 4.92 -17.96
N LEU B 149 0.56 6.10 -18.28
CA LEU B 149 1.38 7.24 -18.67
C LEU B 149 1.24 8.33 -17.63
N VAL B 150 2.32 9.02 -17.32
CA VAL B 150 2.30 10.11 -16.35
C VAL B 150 2.78 11.36 -17.05
N HIS B 151 1.92 12.37 -17.15
CA HIS B 151 2.25 13.63 -17.80
C HIS B 151 2.59 14.61 -16.69
N THR B 152 3.74 15.26 -16.81
CA THR B 152 4.23 16.15 -15.77
C THR B 152 4.06 17.60 -16.20
N ARG B 153 4.07 18.51 -15.22
CA ARG B 153 3.91 19.92 -15.55
C ARG B 153 5.12 20.47 -16.30
N GLU B 154 6.31 19.94 -16.05
CA GLU B 154 7.50 20.33 -16.80
C GLU B 154 8.17 19.10 -17.40
N ALA B 155 8.99 19.36 -18.43
CA ALA B 155 9.76 18.29 -19.06
C ALA B 155 10.67 17.62 -18.04
N ALA B 156 10.83 16.31 -18.19
CA ALA B 156 11.20 15.42 -17.09
C ALA B 156 12.69 15.10 -17.04
N THR B 157 13.46 15.97 -16.39
CA THR B 157 14.77 15.59 -15.88
C THR B 157 14.72 15.43 -14.36
N ARG B 158 14.27 16.46 -13.66
CA ARG B 158 13.78 16.36 -12.29
C ARG B 158 12.86 15.15 -12.11
N ASN B 159 11.91 15.01 -13.02
CA ASN B 159 10.85 14.02 -12.84
C ASN B 159 11.38 12.61 -13.04
N MET B 160 12.30 12.44 -13.98
CA MET B 160 12.88 11.11 -14.22
C MET B 160 13.66 10.63 -12.99
N GLU B 161 14.31 11.55 -12.27
CA GLU B 161 14.96 11.17 -11.02
C GLU B 161 13.94 10.83 -9.96
N LYS B 162 12.93 11.69 -9.81
CA LYS B 162 12.01 11.57 -8.67
C LYS B 162 11.05 10.40 -8.82
N ILE B 163 10.77 9.94 -10.04
CA ILE B 163 9.79 8.87 -10.24
C ILE B 163 10.37 7.48 -9.98
N GLN B 164 11.71 7.31 -9.97
CA GLN B 164 12.33 5.99 -9.84
C GLN B 164 12.42 5.59 -8.37
N VAL B 165 11.25 5.37 -7.77
CA VAL B 165 11.15 5.16 -6.33
C VAL B 165 11.46 3.72 -5.94
N ILE B 166 11.11 2.77 -6.81
CA ILE B 166 11.01 1.36 -6.47
C ILE B 166 12.17 0.61 -7.13
N LYS B 167 12.91 -0.16 -6.33
CA LYS B 167 13.98 -1.01 -6.85
C LYS B 167 13.50 -1.89 -7.99
N ASP B 168 14.29 -1.94 -9.06
CA ASP B 168 14.02 -2.80 -10.23
C ASP B 168 12.74 -2.45 -10.97
N PHE B 169 12.22 -1.24 -10.81
CA PHE B 169 11.03 -0.80 -11.55
C PHE B 169 11.34 0.50 -12.28
N PRO B 170 12.12 0.43 -13.35
CA PRO B 170 12.53 1.65 -14.05
C PRO B 170 11.39 2.23 -14.89
N TRP B 171 11.45 3.54 -15.08
CA TRP B 171 10.56 4.27 -15.97
C TRP B 171 11.35 4.81 -17.16
N ILE B 172 10.65 5.05 -18.27
CA ILE B 172 11.28 5.67 -19.45
C ILE B 172 10.34 6.73 -20.03
N LEU B 173 10.92 7.63 -20.82
CA LEU B 173 10.09 8.53 -21.61
C LEU B 173 9.28 7.72 -22.62
N ALA B 174 7.99 7.99 -22.70
CA ALA B 174 7.16 7.29 -23.67
C ALA B 174 7.48 7.74 -25.09
N ASP B 175 7.17 6.89 -26.05
CA ASP B 175 7.28 7.21 -27.45
C ASP B 175 5.94 7.77 -27.94
N GLU B 176 6.00 8.56 -29.01
CA GLU B 176 4.80 9.22 -29.51
C GLU B 176 3.69 8.23 -29.82
N GLN B 177 4.01 7.04 -30.33
CA GLN B 177 2.92 6.13 -30.67
C GLN B 177 2.31 5.45 -29.45
N ASP B 178 3.00 5.50 -28.30
CA ASP B 178 2.36 5.09 -27.05
C ASP B 178 1.24 6.04 -26.65
N VAL B 179 1.25 7.27 -27.18
CA VAL B 179 0.38 8.34 -26.71
C VAL B 179 -0.68 8.67 -27.75
N HIS B 180 -0.27 9.09 -28.94
CA HIS B 180 -1.17 9.77 -29.86
C HIS B 180 -2.23 8.81 -30.41
N MET B 181 -3.49 9.23 -30.30
CA MET B 181 -4.59 8.66 -31.08
C MET B 181 -5.03 9.72 -32.08
N HIS B 182 -5.32 9.32 -33.30
CA HIS B 182 -5.73 10.28 -34.32
C HIS B 182 -7.19 10.65 -34.10
N ASP B 183 -7.45 11.95 -33.94
CA ASP B 183 -8.74 12.60 -33.69
C ASP B 183 -9.69 11.73 -32.88
N PRO B 184 -9.41 11.50 -31.60
CA PRO B 184 -10.27 10.63 -30.81
C PRO B 184 -11.59 11.32 -30.46
N ARG B 185 -12.58 10.50 -30.16
CA ARG B 185 -13.78 10.98 -29.49
C ARG B 185 -13.48 11.09 -27.99
N LEU B 186 -13.81 12.23 -27.39
CA LEU B 186 -13.59 12.47 -25.97
C LEU B 186 -14.91 12.33 -25.22
N ILE B 187 -14.95 11.39 -24.27
CA ILE B 187 -16.19 11.15 -23.51
C ILE B 187 -15.96 11.51 -22.03
N PRO B 188 -16.51 12.61 -21.54
CA PRO B 188 -16.28 12.97 -20.14
C PRO B 188 -17.08 12.06 -19.21
N LEU B 189 -16.47 11.70 -18.09
CA LEU B 189 -17.14 10.89 -17.07
C LEU B 189 -17.50 11.69 -15.83
N LYS B 190 -16.54 12.41 -15.24
CA LYS B 190 -16.82 13.11 -13.98
C LYS B 190 -15.77 14.19 -13.75
N THR B 191 -16.21 15.31 -13.18
CA THR B 191 -15.33 16.40 -12.75
C THR B 191 -15.65 16.72 -11.29
N MET B 192 -14.61 17.10 -10.54
CA MET B 192 -14.80 17.46 -9.14
C MET B 192 -13.90 18.63 -8.79
N THR B 193 -14.30 19.37 -7.75
CA THR B 193 -13.48 20.42 -7.18
C THR B 193 -13.58 20.35 -5.66
N SER B 194 -12.51 20.78 -5.00
CA SER B 194 -12.42 20.76 -3.54
C SER B 194 -11.27 21.66 -3.12
N ASP B 195 -11.17 21.88 -1.81
CA ASP B 195 -10.12 22.75 -1.27
C ASP B 195 -8.71 22.24 -1.55
N ILE B 196 -8.53 20.95 -1.81
CA ILE B 196 -7.20 20.38 -1.96
C ILE B 196 -6.99 19.66 -3.28
N LEU B 197 -8.03 19.50 -4.10
CA LEU B 197 -7.88 18.73 -5.32
C LEU B 197 -8.99 19.08 -6.29
N LYS B 198 -8.61 19.31 -7.55
CA LYS B 198 -9.56 19.39 -8.66
C LYS B 198 -9.18 18.27 -9.61
N MET B 199 -10.18 17.54 -10.10
CA MET B 199 -9.80 16.46 -10.99
C MET B 199 -10.92 16.22 -11.99
N GLN B 200 -10.55 15.79 -13.19
CA GLN B 200 -11.59 15.43 -14.14
C GLN B 200 -11.13 14.18 -14.89
N LEU B 201 -12.10 13.34 -15.17
CA LEU B 201 -11.86 12.06 -15.82
C LEU B 201 -12.64 12.04 -17.12
N TYR B 202 -11.95 11.77 -18.22
CA TYR B 202 -12.62 11.53 -19.49
C TYR B 202 -11.95 10.38 -20.18
N VAL B 203 -12.63 9.83 -21.19
CA VAL B 203 -12.11 8.73 -22.00
C VAL B 203 -11.81 9.24 -23.39
N GLU B 204 -10.66 8.83 -23.94
CA GLU B 204 -10.36 9.03 -25.34
C GLU B 204 -10.69 7.74 -26.09
N GLU B 205 -11.54 7.87 -27.11
CA GLU B 205 -12.05 6.72 -27.85
C GLU B 205 -11.81 6.92 -29.35
N ARG B 206 -11.63 5.81 -30.07
CA ARG B 206 -11.57 5.88 -31.53
C ARG B 206 -12.88 6.39 -32.10
N ALA B 207 -12.80 7.29 -33.07
CA ALA B 207 -14.01 7.87 -33.67
C ALA B 207 -14.47 7.09 -34.89
N PHE C 2 -16.46 19.09 -25.82
CA PHE C 2 -15.71 18.99 -24.57
C PHE C 2 -14.24 19.27 -24.80
N ILE C 3 -13.64 20.06 -23.91
CA ILE C 3 -12.23 20.42 -24.01
C ILE C 3 -11.52 20.06 -22.70
N PRO C 4 -10.42 19.31 -22.78
CA PRO C 4 -9.66 18.96 -21.57
C PRO C 4 -8.89 20.15 -21.02
N TRP C 5 -8.43 20.00 -19.78
CA TRP C 5 -7.57 21.01 -19.18
C TRP C 5 -6.17 20.98 -19.81
N PHE C 6 -5.70 19.80 -20.18
CA PHE C 6 -4.34 19.59 -20.69
C PHE C 6 -4.42 18.83 -22.00
N PRO C 7 -4.75 19.50 -23.10
CA PRO C 7 -4.89 18.80 -24.38
C PRO C 7 -3.55 18.26 -24.86
N TYR C 8 -3.64 17.24 -25.72
CA TYR C 8 -2.47 16.58 -26.27
C TYR C 8 -1.43 17.60 -26.73
N ASP C 9 -0.18 17.33 -26.39
CA ASP C 9 0.93 18.23 -26.73
C ASP C 9 2.15 17.34 -27.00
N GLY C 10 2.44 17.12 -28.29
CA GLY C 10 3.56 16.27 -28.64
C GLY C 10 4.92 16.82 -28.26
N SER C 11 4.98 18.08 -27.83
CA SER C 11 6.25 18.69 -27.49
C SER C 11 6.73 18.32 -26.10
N LYS C 12 5.93 17.57 -25.33
CA LYS C 12 6.31 17.14 -23.99
C LYS C 12 5.78 15.72 -23.80
N LEU C 13 6.66 14.76 -23.81
CA LEU C 13 6.23 13.38 -23.72
C LEU C 13 6.06 12.96 -22.26
N PRO C 14 5.15 12.01 -22.00
CA PRO C 14 4.97 11.51 -20.65
C PRO C 14 5.96 10.40 -20.32
N LEU C 15 5.99 10.04 -19.04
CA LEU C 15 6.73 8.91 -18.54
C LEU C 15 5.83 7.69 -18.48
N ARG C 16 6.42 6.52 -18.70
CA ARG C 16 5.70 5.27 -18.54
C ARG C 16 6.67 4.24 -17.95
N PRO C 17 6.13 3.20 -17.31
CA PRO C 17 7.03 2.14 -16.82
C PRO C 17 7.72 1.46 -17.99
N LYS C 18 8.99 1.10 -17.77
CA LYS C 18 9.72 0.40 -18.83
C LYS C 18 9.17 -1.01 -19.00
N ARG C 19 8.80 -1.67 -17.92
CA ARG C 19 8.29 -3.03 -17.97
C ARG C 19 6.79 -3.00 -18.23
N SER C 20 6.32 -3.98 -18.99
CA SER C 20 4.90 -4.11 -19.27
C SER C 20 4.21 -4.87 -18.15
N PRO C 21 2.88 -4.68 -18.01
CA PRO C 21 2.12 -5.48 -17.04
C PRO C 21 2.13 -6.94 -17.43
N PRO C 22 1.82 -7.84 -16.49
CA PRO C 22 1.87 -9.27 -16.80
C PRO C 22 0.80 -9.69 -17.79
N VAL C 23 1.16 -10.64 -18.63
CA VAL C 23 0.20 -11.32 -19.49
C VAL C 23 -0.36 -12.49 -18.71
N ILE C 24 -1.68 -12.58 -18.61
CA ILE C 24 -2.34 -13.60 -17.81
C ILE C 24 -3.15 -14.49 -18.75
N SER C 25 -2.66 -15.71 -18.95
CA SER C 25 -3.37 -16.71 -19.73
C SER C 25 -4.69 -17.10 -19.06
N GLU C 26 -5.57 -17.73 -19.84
CA GLU C 26 -6.81 -18.23 -19.27
C GLU C 26 -6.55 -19.29 -18.19
N GLU C 27 -5.52 -20.10 -18.39
CA GLU C 27 -5.17 -21.12 -17.41
C GLU C 27 -4.76 -20.48 -16.08
N ALA C 28 -3.89 -19.47 -16.13
CA ALA C 28 -3.49 -18.79 -14.90
C ALA C 28 -4.65 -18.06 -14.24
N ALA C 29 -5.57 -17.50 -15.04
CA ALA C 29 -6.72 -16.82 -14.46
C ALA C 29 -7.63 -17.79 -13.70
N GLU C 30 -7.78 -19.00 -14.21
CA GLU C 30 -8.62 -19.99 -13.54
C GLU C 30 -8.00 -20.42 -12.21
N ASP C 31 -6.67 -20.50 -12.14
CA ASP C 31 -6.01 -20.83 -10.88
C ASP C 31 -6.22 -19.74 -9.85
N VAL C 32 -6.11 -18.46 -10.25
CA VAL C 32 -6.42 -17.38 -9.32
C VAL C 32 -7.84 -17.50 -8.81
N LYS C 33 -8.78 -17.78 -9.71
CA LYS C 33 -10.19 -17.92 -9.35
C LYS C 33 -10.38 -19.04 -8.31
N GLN C 34 -9.71 -20.16 -8.50
CA GLN C 34 -9.96 -21.32 -7.63
C GLN C 34 -9.26 -21.20 -6.27
N TYR C 35 -8.10 -20.53 -6.22
CA TYR C 35 -7.25 -20.52 -5.03
C TYR C 35 -7.26 -19.21 -4.28
N LEU C 36 -7.31 -18.08 -4.97
CA LEU C 36 -7.03 -16.78 -4.36
C LEU C 36 -8.26 -15.90 -4.20
N THR C 37 -9.41 -16.31 -4.72
CA THR C 37 -10.65 -15.55 -4.53
C THR C 37 -11.61 -16.31 -3.61
N PHE D 2 6.39 -20.42 28.68
CA PHE D 2 6.27 -20.20 27.24
C PHE D 2 7.64 -20.11 26.58
N ILE D 3 7.81 -20.83 25.48
CA ILE D 3 9.07 -20.88 24.76
C ILE D 3 8.87 -20.34 23.34
N PRO D 4 9.55 -19.27 22.95
CA PRO D 4 9.46 -18.81 21.56
C PRO D 4 10.19 -19.75 20.61
N TRP D 5 9.81 -19.66 19.34
CA TRP D 5 10.50 -20.38 18.28
C TRP D 5 11.92 -19.85 18.06
N PHE D 6 12.12 -18.55 18.22
CA PHE D 6 13.39 -17.90 17.90
C PHE D 6 13.85 -17.08 19.11
N PRO D 7 14.44 -17.73 20.11
CA PRO D 7 14.88 -17.00 21.31
C PRO D 7 15.97 -15.98 20.97
N TYR D 8 16.14 -15.03 21.88
CA TYR D 8 17.13 -13.97 21.70
C TYR D 8 18.49 -14.57 21.37
N ASP D 9 19.15 -14.03 20.35
CA ASP D 9 20.47 -14.51 19.94
C ASP D 9 21.31 -13.26 19.69
N GLY D 10 22.20 -12.94 20.61
CA GLY D 10 23.02 -11.76 20.46
C GLY D 10 23.98 -11.84 19.30
N SER D 11 24.24 -13.04 18.79
CA SER D 11 25.19 -13.20 17.69
C SER D 11 24.57 -12.93 16.33
N LYS D 12 23.26 -12.69 16.24
CA LYS D 12 22.58 -12.44 14.97
C LYS D 12 21.71 -11.18 15.10
N LEU D 13 22.30 -10.02 14.85
CA LEU D 13 21.50 -8.80 14.97
C LEU D 13 20.50 -8.69 13.82
N PRO D 14 19.37 -8.01 14.04
CA PRO D 14 18.39 -7.81 12.97
C PRO D 14 18.62 -6.49 12.23
N LEU D 15 17.89 -6.35 11.14
CA LEU D 15 17.90 -5.08 10.42
C LEU D 15 16.77 -4.19 10.92
N ARG D 16 16.95 -2.89 10.75
CA ARG D 16 15.90 -1.94 11.08
C ARG D 16 16.00 -0.75 10.13
N PRO D 17 14.91 -0.01 9.96
CA PRO D 17 14.99 1.22 9.16
C PRO D 17 15.94 2.23 9.80
N LYS D 18 16.73 2.89 8.96
CA LYS D 18 17.58 4.01 9.40
C LYS D 18 16.73 5.22 9.81
N ARG D 19 15.70 5.51 9.04
CA ARG D 19 14.83 6.63 9.34
C ARG D 19 14.03 6.33 10.60
N SER D 20 13.66 7.38 11.28
CA SER D 20 12.83 7.30 12.47
C SER D 20 11.40 7.66 12.12
N PRO D 21 10.41 7.09 12.81
CA PRO D 21 9.03 7.55 12.62
C PRO D 21 8.88 8.98 13.11
N PRO D 22 7.85 9.70 12.68
CA PRO D 22 7.76 11.13 12.99
C PRO D 22 7.48 11.39 14.46
N VAL D 23 7.88 12.59 14.87
CA VAL D 23 7.46 13.14 16.15
C VAL D 23 6.09 13.78 15.96
N ILE D 24 5.14 13.44 16.83
CA ILE D 24 3.75 13.89 16.71
C ILE D 24 3.34 14.49 18.04
N SER D 25 3.32 15.82 18.12
CA SER D 25 2.87 16.52 19.33
C SER D 25 1.36 16.41 19.47
N GLU D 26 0.90 16.67 20.70
CA GLU D 26 -0.55 16.72 20.93
C GLU D 26 -1.22 17.77 20.03
N GLU D 27 -0.52 18.87 19.72
CA GLU D 27 -1.14 19.89 18.88
C GLU D 27 -1.20 19.43 17.43
N ALA D 28 -0.13 18.81 16.92
CA ALA D 28 -0.19 18.22 15.60
C ALA D 28 -1.29 17.19 15.52
N ALA D 29 -1.44 16.38 16.57
CA ALA D 29 -2.52 15.39 16.59
C ALA D 29 -3.87 16.08 16.56
N GLU D 30 -4.00 17.26 17.19
CA GLU D 30 -5.27 17.97 17.14
C GLU D 30 -5.59 18.41 15.72
N ASP D 31 -4.58 18.78 14.94
CA ASP D 31 -4.82 19.15 13.55
C ASP D 31 -5.19 17.94 12.72
N VAL D 32 -4.54 16.80 12.96
CA VAL D 32 -4.93 15.56 12.31
C VAL D 32 -6.39 15.25 12.62
N LYS D 33 -6.77 15.30 13.90
CA LYS D 33 -8.15 14.99 14.28
C LYS D 33 -9.13 15.90 13.56
N GLN D 34 -8.87 17.21 13.58
CA GLN D 34 -9.83 18.18 13.08
C GLN D 34 -10.01 18.08 11.58
N TYR D 35 -8.93 17.81 10.84
CA TYR D 35 -8.96 17.92 9.39
C TYR D 35 -8.97 16.60 8.65
N LEU D 36 -8.33 15.56 9.20
CA LEU D 36 -8.12 14.31 8.46
C LEU D 36 -8.90 13.14 9.03
N THR D 37 -9.78 13.34 10.00
CA THR D 37 -10.60 12.24 10.46
C THR D 37 -12.07 12.50 10.10
#